data_3U9G
#
_entry.id   3U9G
#
_cell.length_a   52.894
_cell.length_b   52.894
_cell.length_c   138.275
_cell.angle_alpha   90.00
_cell.angle_beta   90.00
_cell.angle_gamma   120.00
#
_symmetry.space_group_name_H-M   'P 32 2 1'
#
loop_
_entity.id
_entity.type
_entity.pdbx_description
1 polymer 'Zinc finger CCCH-type antiviral protein 1'
2 non-polymer 'ZINC ION'
3 water water
#
_entity_poly.entity_id   1
_entity_poly.type   'polypeptide(L)'
_entity_poly.pdbx_seq_one_letter_code
;GPLGMADPGVCCFITKILCAHGGRMTLEELLGEIRLPEAQLYELLETAGPDRFVLLETGGQAGITRSVVATTRARVCRRK
YCQRPCDSLHLCKLNLLGRCHYAQSQRNLCKYSHDVLSEQNFQILKNHELSGLNQEELACLLVQSDPFFLPEICKSYKGE
GRKQTCGQPQPCERLHICEHFTRGNCSYLNCLRSHNLMDRKVLTIMREHGLSPDVVQNIQDICNNKHAR
;
_entity_poly.pdbx_strand_id   A
#
loop_
_chem_comp.id
_chem_comp.type
_chem_comp.name
_chem_comp.formula
ZN non-polymer 'ZINC ION' 'Zn 2'
#
# COMPACT_ATOMS: atom_id res chain seq x y z
N ASP A 7 5.51 12.76 23.31
CA ASP A 7 5.32 11.34 23.07
C ASP A 7 5.11 11.01 21.59
N PRO A 8 4.04 11.54 20.97
CA PRO A 8 3.90 11.29 19.53
C PRO A 8 5.00 12.02 18.77
N GLY A 9 5.26 11.61 17.54
CA GLY A 9 6.14 12.36 16.68
C GLY A 9 5.40 13.55 16.10
N VAL A 10 6.05 14.28 15.20
CA VAL A 10 5.44 15.45 14.58
C VAL A 10 4.39 15.01 13.57
N CYS A 11 3.23 15.66 13.62
CA CYS A 11 2.20 15.45 12.61
C CYS A 11 2.60 16.13 11.31
N CYS A 12 2.92 15.32 10.31
CA CYS A 12 3.47 15.78 9.04
C CYS A 12 2.42 16.40 8.10
N PHE A 13 2.62 17.67 7.74
CA PHE A 13 1.66 18.37 6.90
C PHE A 13 1.43 17.63 5.59
N ILE A 14 2.53 17.27 4.93
CA ILE A 14 2.41 16.68 3.59
C ILE A 14 1.73 15.32 3.62
N THR A 15 2.09 14.48 4.59
CA THR A 15 1.46 13.17 4.73
C THR A 15 -0.03 13.37 4.98
N LYS A 16 -0.34 14.25 5.92
CA LYS A 16 -1.71 14.53 6.29
C LYS A 16 -2.54 14.89 5.06
N ILE A 17 -2.08 15.85 4.29
CA ILE A 17 -2.83 16.31 3.13
C ILE A 17 -2.99 15.21 2.07
N LEU A 18 -1.91 14.52 1.73
CA LEU A 18 -2.01 13.46 0.73
C LEU A 18 -3.02 12.38 1.14
N CYS A 19 -2.95 11.95 2.40
CA CYS A 19 -3.80 10.85 2.86
C CYS A 19 -5.27 11.28 2.92
N ALA A 20 -5.51 12.57 3.11
CA ALA A 20 -6.87 13.07 3.14
C ALA A 20 -7.44 13.15 1.74
N HIS A 21 -6.56 13.19 0.74
CA HIS A 21 -6.97 13.36 -0.66
C HIS A 21 -6.83 12.06 -1.46
N GLY A 22 -6.88 10.94 -0.76
CA GLY A 22 -6.93 9.65 -1.44
C GLY A 22 -5.57 9.05 -1.74
N GLY A 23 -4.50 9.64 -1.21
CA GLY A 23 -3.18 9.04 -1.32
C GLY A 23 -2.34 9.52 -2.49
N ARG A 24 -2.89 10.47 -3.26
CA ARG A 24 -2.22 11.04 -4.42
C ARG A 24 -2.78 12.42 -4.67
N MET A 25 -1.92 13.35 -5.04
CA MET A 25 -2.36 14.67 -5.52
C MET A 25 -1.38 15.15 -6.56
N THR A 26 -1.77 16.06 -7.44
CA THR A 26 -0.79 16.65 -8.34
C THR A 26 0.13 17.59 -7.56
N LEU A 27 1.32 17.82 -8.09
CA LEU A 27 2.22 18.77 -7.44
C LEU A 27 1.53 20.12 -7.34
N GLU A 28 0.83 20.53 -8.40
CA GLU A 28 0.13 21.81 -8.38
C GLU A 28 -0.90 21.86 -7.24
N GLU A 29 -1.65 20.79 -7.04
CA GLU A 29 -2.60 20.79 -5.92
C GLU A 29 -1.88 20.93 -4.58
N LEU A 30 -0.81 20.18 -4.39
CA LEU A 30 -0.08 20.20 -3.12
C LEU A 30 0.49 21.58 -2.87
N LEU A 31 0.99 22.21 -3.94
CA LEU A 31 1.59 23.53 -3.84
C LEU A 31 0.56 24.54 -3.38
N GLY A 32 -0.66 24.42 -3.90
CA GLY A 32 -1.76 25.29 -3.52
C GLY A 32 -2.11 25.11 -2.05
N GLU A 33 -2.07 23.87 -1.58
CA GLU A 33 -2.36 23.60 -0.18
C GLU A 33 -1.26 24.10 0.77
N ILE A 34 0.00 23.97 0.37
CA ILE A 34 1.11 24.25 1.27
C ILE A 34 1.61 25.68 1.16
N ARG A 35 1.20 26.36 0.07
CA ARG A 35 1.50 27.77 -0.11
C ARG A 35 2.99 28.07 -0.12
N LEU A 36 3.76 27.21 -0.77
CA LEU A 36 5.20 27.40 -0.86
C LEU A 36 5.61 27.49 -2.32
N PRO A 37 6.78 28.10 -2.58
CA PRO A 37 7.39 28.01 -3.91
C PRO A 37 7.73 26.56 -4.20
N GLU A 38 7.65 26.19 -5.47
CA GLU A 38 7.94 24.82 -5.88
C GLU A 38 9.23 24.27 -5.28
N ALA A 39 10.31 25.05 -5.29
CA ALA A 39 11.58 24.52 -4.81
C ALA A 39 11.58 24.20 -3.32
N GLN A 40 10.81 24.96 -2.55
CA GLN A 40 10.74 24.73 -1.12
C GLN A 40 9.98 23.41 -0.86
N LEU A 41 8.92 23.17 -1.62
CA LEU A 41 8.22 21.89 -1.52
C LEU A 41 9.12 20.71 -1.93
N TYR A 42 9.81 20.85 -3.05
CA TYR A 42 10.70 19.76 -3.48
C TYR A 42 11.70 19.39 -2.39
N GLU A 43 12.20 20.36 -1.65
CA GLU A 43 13.14 20.06 -0.56
C GLU A 43 12.53 19.18 0.51
N LEU A 44 11.30 19.49 0.89
CA LEU A 44 10.59 18.70 1.87
C LEU A 44 10.39 17.27 1.36
N LEU A 45 9.94 17.15 0.12
CA LEU A 45 9.69 15.84 -0.48
C LEU A 45 10.96 15.00 -0.57
N GLU A 46 12.03 15.62 -1.04
CA GLU A 46 13.28 14.90 -1.21
C GLU A 46 13.87 14.43 0.11
N THR A 47 13.73 15.23 1.15
CA THR A 47 14.19 14.85 2.47
C THR A 47 13.47 13.62 3.03
N ALA A 48 12.17 13.55 2.82
CA ALA A 48 11.42 12.37 3.24
C ALA A 48 11.83 11.17 2.40
N GLY A 49 12.10 11.43 1.13
CA GLY A 49 12.57 10.39 0.22
C GLY A 49 11.47 9.59 -0.46
N PRO A 50 11.86 8.79 -1.47
CA PRO A 50 10.93 8.01 -2.30
C PRO A 50 10.24 6.87 -1.56
N ASP A 51 10.72 6.51 -0.39
CA ASP A 51 10.04 5.45 0.36
C ASP A 51 8.86 6.03 1.11
N ARG A 52 8.71 7.35 1.03
CA ARG A 52 7.60 8.05 1.67
C ARG A 52 6.76 8.91 0.69
N PHE A 53 7.43 9.55 -0.26
CA PHE A 53 6.73 10.30 -1.30
C PHE A 53 7.29 9.98 -2.69
N VAL A 54 6.45 9.37 -3.53
CA VAL A 54 6.83 9.01 -4.89
C VAL A 54 6.41 10.12 -5.85
N LEU A 55 7.37 10.67 -6.59
CA LEU A 55 7.10 11.75 -7.52
C LEU A 55 7.15 11.13 -8.91
N LEU A 56 6.17 11.43 -9.74
CA LEU A 56 6.20 10.91 -11.10
C LEU A 56 5.51 11.83 -12.09
N GLU A 57 5.77 11.59 -13.38
CA GLU A 57 5.05 12.28 -14.43
C GLU A 57 3.76 11.53 -14.67
N THR A 58 2.66 12.26 -14.73
CA THR A 58 1.34 11.65 -14.83
C THR A 58 0.63 11.99 -16.13
N THR A 65 4.00 18.17 -15.83
CA THR A 65 2.85 17.81 -15.02
C THR A 65 3.18 16.60 -14.14
N ARG A 66 3.32 16.83 -12.84
CA ARG A 66 3.80 15.79 -11.94
C ARG A 66 2.82 15.54 -10.82
N SER A 67 2.87 14.34 -10.26
CA SER A 67 2.04 14.02 -9.11
C SER A 67 2.87 13.41 -8.01
N VAL A 68 2.28 13.39 -6.82
CA VAL A 68 2.93 12.84 -5.66
C VAL A 68 2.03 11.76 -5.09
N VAL A 69 2.59 10.56 -4.94
CA VAL A 69 1.86 9.46 -4.33
C VAL A 69 2.46 9.14 -2.97
N ALA A 70 1.62 9.09 -1.94
CA ALA A 70 2.13 8.87 -0.59
C ALA A 70 2.38 7.39 -0.34
N THR A 71 3.46 7.08 0.35
CA THR A 71 3.68 5.72 0.81
C THR A 71 4.39 5.68 2.17
N THR A 72 4.74 4.50 2.65
CA THR A 72 5.38 4.35 3.94
C THR A 72 6.12 3.03 3.94
N ARG A 73 7.09 2.88 4.83
CA ARG A 73 7.76 1.61 5.02
C ARG A 73 7.08 0.77 6.09
N ALA A 74 6.14 1.38 6.81
CA ALA A 74 5.38 0.65 7.85
C ALA A 74 4.64 -0.55 7.26
N ARG A 75 4.70 -1.67 7.96
CA ARG A 75 4.10 -2.89 7.47
C ARG A 75 3.33 -3.61 8.58
N VAL A 76 2.31 -4.35 8.17
CA VAL A 76 1.51 -5.17 9.10
C VAL A 76 2.29 -6.45 9.41
N CYS A 77 2.20 -6.91 10.66
CA CYS A 77 2.96 -8.07 11.11
C CYS A 77 2.61 -9.30 10.27
N ARG A 78 3.64 -10.07 9.90
CA ARG A 78 3.47 -11.25 9.07
C ARG A 78 3.66 -12.54 9.85
N ARG A 79 3.87 -12.43 11.16
CA ARG A 79 4.07 -13.62 11.98
C ARG A 79 2.75 -14.33 12.24
N LYS A 80 2.76 -15.67 12.17
CA LYS A 80 1.58 -16.45 12.50
C LYS A 80 1.21 -16.25 13.97
N TYR A 81 2.17 -16.50 14.86
CA TYR A 81 1.91 -16.38 16.30
C TYR A 81 2.87 -15.40 16.95
N CYS A 82 2.61 -14.13 16.75
CA CYS A 82 3.53 -13.10 17.19
C CYS A 82 3.60 -13.00 18.71
N GLN A 83 4.82 -12.86 19.22
CA GLN A 83 5.04 -12.37 20.57
C GLN A 83 6.08 -11.25 20.53
N ARG A 84 5.96 -10.31 21.46
CA ARG A 84 6.93 -9.23 21.56
C ARG A 84 8.34 -9.78 21.74
N PRO A 85 9.35 -9.04 21.24
CA PRO A 85 9.20 -7.73 20.58
C PRO A 85 8.75 -7.84 19.13
N CYS A 86 8.08 -6.82 18.63
CA CYS A 86 7.70 -6.78 17.23
C CYS A 86 7.78 -5.35 16.69
N ASP A 87 8.31 -5.20 15.48
CA ASP A 87 8.46 -3.88 14.88
C ASP A 87 7.40 -3.57 13.82
N SER A 88 6.35 -4.38 13.78
CA SER A 88 5.32 -4.20 12.77
C SER A 88 3.99 -3.82 13.39
N LEU A 89 3.06 -3.38 12.55
CA LEU A 89 1.72 -3.04 13.00
C LEU A 89 0.87 -4.28 13.17
N HIS A 90 0.01 -4.25 14.19
CA HIS A 90 -0.95 -5.31 14.42
C HIS A 90 -2.35 -4.75 14.25
N LEU A 91 -3.05 -5.29 13.25
CA LEU A 91 -4.37 -4.81 12.93
C LEU A 91 -5.05 -5.81 12.03
N CYS A 92 -6.36 -5.64 11.88
CA CYS A 92 -7.14 -6.51 11.03
C CYS A 92 -7.10 -6.01 9.59
N LYS A 93 -6.50 -6.81 8.72
CA LYS A 93 -6.37 -6.47 7.30
C LYS A 93 -7.73 -6.29 6.65
N LEU A 94 -8.56 -7.33 6.74
CA LEU A 94 -9.87 -7.30 6.11
C LEU A 94 -10.66 -6.09 6.57
N ASN A 95 -10.51 -5.70 7.83
CA ASN A 95 -11.22 -4.54 8.32
C ASN A 95 -10.87 -3.27 7.54
N LEU A 96 -9.58 -3.05 7.31
CA LEU A 96 -9.16 -1.85 6.57
C LEU A 96 -9.67 -1.89 5.14
N LEU A 97 -9.99 -3.09 4.66
CA LEU A 97 -10.53 -3.29 3.32
C LEU A 97 -12.06 -3.35 3.32
N GLY A 98 -12.67 -3.10 4.47
CA GLY A 98 -14.12 -3.16 4.60
C GLY A 98 -14.69 -4.56 4.44
N ARG A 99 -13.89 -5.57 4.76
CA ARG A 99 -14.24 -6.96 4.48
C ARG A 99 -14.22 -7.86 5.72
N CYS A 100 -14.23 -7.28 6.91
CA CYS A 100 -14.28 -8.12 8.11
C CYS A 100 -15.68 -8.11 8.72
N HIS A 101 -16.29 -9.30 8.82
CA HIS A 101 -17.66 -9.37 9.32
C HIS A 101 -17.80 -8.89 10.76
N TYR A 102 -16.77 -9.12 11.57
CA TYR A 102 -16.80 -8.72 12.98
C TYR A 102 -17.05 -7.23 13.16
N ALA A 103 -16.87 -6.45 12.10
CA ALA A 103 -17.17 -5.02 12.17
C ALA A 103 -18.69 -4.81 12.22
N GLN A 104 -19.43 -5.89 11.99
CA GLN A 104 -20.90 -5.85 12.03
C GLN A 104 -21.47 -6.82 13.07
N SER A 105 -20.90 -8.02 13.13
CA SER A 105 -21.43 -9.04 14.01
C SER A 105 -21.06 -8.83 15.47
N GLN A 106 -21.99 -9.13 16.36
CA GLN A 106 -21.76 -9.00 17.79
C GLN A 106 -21.47 -10.35 18.40
N ARG A 107 -21.37 -11.37 17.55
CA ARG A 107 -21.11 -12.73 17.98
C ARG A 107 -19.61 -13.02 17.97
N ASN A 108 -19.05 -13.23 19.17
CA ASN A 108 -17.60 -13.38 19.34
C ASN A 108 -16.85 -12.11 18.93
N LEU A 109 -15.54 -12.27 18.69
CA LEU A 109 -14.69 -11.12 18.49
C LEU A 109 -13.58 -11.46 17.53
N CYS A 110 -13.18 -10.49 16.72
CA CYS A 110 -12.09 -10.69 15.78
C CYS A 110 -10.77 -10.81 16.54
N LYS A 111 -9.91 -11.72 16.09
CA LYS A 111 -8.66 -11.98 16.78
C LYS A 111 -7.64 -10.87 16.50
N TYR A 112 -7.93 -10.07 15.48
CA TYR A 112 -7.05 -8.97 15.08
C TYR A 112 -7.60 -7.62 15.53
N SER A 113 -6.70 -6.69 15.85
CA SER A 113 -7.11 -5.37 16.32
C SER A 113 -7.83 -4.59 15.22
N HIS A 114 -9.00 -4.06 15.54
CA HIS A 114 -9.76 -3.23 14.60
C HIS A 114 -9.49 -1.77 14.88
N ASP A 115 -8.54 -1.51 15.79
CA ASP A 115 -8.12 -0.16 16.14
C ASP A 115 -6.66 0.04 15.76
N VAL A 116 -6.42 0.75 14.66
CA VAL A 116 -5.06 0.96 14.20
C VAL A 116 -4.26 1.82 15.18
N LEU A 117 -4.98 2.66 15.93
CA LEU A 117 -4.34 3.56 16.88
C LEU A 117 -4.26 2.95 18.27
N SER A 118 -3.83 1.70 18.33
CA SER A 118 -3.73 0.98 19.58
C SER A 118 -2.45 1.36 20.32
N GLU A 119 -2.41 1.10 21.63
CA GLU A 119 -1.19 1.33 22.38
C GLU A 119 -0.04 0.56 21.76
N GLN A 120 -0.34 -0.67 21.35
CA GLN A 120 0.65 -1.55 20.71
C GLN A 120 1.27 -0.95 19.46
N ASN A 121 0.47 -0.26 18.65
CA ASN A 121 0.94 0.30 17.38
C ASN A 121 1.54 1.70 17.52
N PHE A 122 1.39 2.29 18.68
CA PHE A 122 1.71 3.70 18.86
C PHE A 122 3.13 4.04 18.44
N GLN A 123 4.10 3.32 19.02
CA GLN A 123 5.51 3.56 18.75
C GLN A 123 5.88 3.26 17.30
N ILE A 124 5.25 2.26 16.70
CA ILE A 124 5.57 1.93 15.32
C ILE A 124 5.15 3.09 14.42
N LEU A 125 3.96 3.61 14.65
CA LEU A 125 3.46 4.74 13.88
C LEU A 125 4.40 5.93 14.03
N LYS A 126 4.83 6.18 15.26
CA LYS A 126 5.78 7.26 15.50
C LYS A 126 7.12 7.04 14.78
N ASN A 127 7.63 5.81 14.81
CA ASN A 127 8.89 5.49 14.14
C ASN A 127 8.83 5.77 12.64
N HIS A 128 7.61 5.72 12.09
CA HIS A 128 7.41 5.93 10.67
C HIS A 128 6.81 7.31 10.35
N GLU A 129 6.85 8.22 11.31
CA GLU A 129 6.41 9.61 11.12
C GLU A 129 4.92 9.69 10.82
N LEU A 130 4.15 8.79 11.42
CA LEU A 130 2.72 8.67 11.14
C LEU A 130 1.83 9.07 12.31
N SER A 131 2.39 9.76 13.30
CA SER A 131 1.57 10.28 14.39
C SER A 131 0.63 11.36 13.86
N GLY A 132 -0.50 11.53 14.53
CA GLY A 132 -1.45 12.54 14.10
C GLY A 132 -2.26 12.22 12.86
N LEU A 133 -2.19 10.98 12.38
CA LEU A 133 -3.09 10.53 11.32
C LEU A 133 -4.23 9.78 11.97
N ASN A 134 -5.43 9.89 11.39
CA ASN A 134 -6.57 9.13 11.88
C ASN A 134 -6.66 7.78 11.17
N GLN A 135 -7.61 6.94 11.55
CA GLN A 135 -7.64 5.58 11.01
C GLN A 135 -7.92 5.55 9.51
N GLU A 136 -8.70 6.51 9.04
CA GLU A 136 -9.04 6.57 7.63
C GLU A 136 -7.82 6.95 6.81
N GLU A 137 -7.07 7.91 7.33
CA GLU A 137 -5.85 8.32 6.66
C GLU A 137 -4.81 7.20 6.67
N LEU A 138 -4.68 6.52 7.80
CA LEU A 138 -3.74 5.41 7.89
C LEU A 138 -4.13 4.26 6.97
N ALA A 139 -5.42 3.99 6.85
CA ALA A 139 -5.86 2.90 5.99
C ALA A 139 -5.54 3.21 4.53
N CYS A 140 -5.77 4.45 4.12
CA CYS A 140 -5.47 4.87 2.77
C CYS A 140 -3.99 4.63 2.48
N LEU A 141 -3.14 5.07 3.40
CA LEU A 141 -1.70 4.92 3.24
C LEU A 141 -1.32 3.43 3.16
N LEU A 142 -1.79 2.65 4.13
CA LEU A 142 -1.37 1.26 4.25
C LEU A 142 -1.83 0.38 3.09
N VAL A 143 -3.07 0.56 2.67
CA VAL A 143 -3.63 -0.30 1.64
C VAL A 143 -2.91 -0.10 0.30
N GLN A 144 -2.35 1.08 0.06
CA GLN A 144 -1.57 1.27 -1.16
C GLN A 144 -0.08 1.07 -1.00
N SER A 145 0.36 0.71 0.22
CA SER A 145 1.79 0.56 0.51
C SER A 145 2.25 -0.85 0.89
N ASP A 146 1.43 -1.55 1.69
CA ASP A 146 1.81 -2.86 2.20
C ASP A 146 1.24 -3.94 1.30
N PRO A 147 2.12 -4.75 0.68
CA PRO A 147 1.66 -5.80 -0.25
C PRO A 147 0.76 -6.84 0.44
N PHE A 148 0.81 -6.85 1.77
CA PHE A 148 -0.07 -7.68 2.62
C PHE A 148 -1.53 -7.56 2.21
N PHE A 149 -1.91 -6.40 1.66
CA PHE A 149 -3.30 -6.11 1.34
C PHE A 149 -3.73 -6.61 -0.03
N LEU A 150 -2.76 -7.11 -0.80
CA LEU A 150 -3.03 -7.59 -2.15
C LEU A 150 -3.66 -8.98 -2.12
N PRO A 151 -4.43 -9.31 -3.16
CA PRO A 151 -4.90 -10.70 -3.34
C PRO A 151 -3.70 -11.64 -3.52
N GLU A 152 -3.91 -12.94 -3.32
CA GLU A 152 -2.84 -13.91 -3.45
C GLU A 152 -2.29 -13.96 -4.87
N ILE A 153 -0.98 -14.09 -4.97
CA ILE A 153 -0.29 -14.25 -6.25
C ILE A 153 -0.16 -15.72 -6.56
N CYS A 154 -0.37 -16.06 -7.83
CA CYS A 154 -0.35 -17.46 -8.26
C CYS A 154 1.07 -17.98 -8.34
N LYS A 155 1.35 -19.04 -7.60
CA LYS A 155 2.68 -19.63 -7.61
C LYS A 155 2.91 -20.56 -8.79
N SER A 156 1.84 -20.93 -9.47
CA SER A 156 1.93 -21.76 -10.66
C SER A 156 2.31 -20.94 -11.89
N TYR A 157 2.24 -19.61 -11.75
CA TYR A 157 2.54 -18.70 -12.84
C TYR A 157 4.05 -18.46 -12.94
N LYS A 158 4.61 -18.81 -14.09
CA LYS A 158 6.05 -18.72 -14.28
C LYS A 158 6.45 -17.59 -15.23
N GLY A 159 5.48 -17.13 -16.02
CA GLY A 159 5.73 -16.05 -16.93
C GLY A 159 4.81 -15.97 -18.13
N GLU A 160 4.90 -14.84 -18.82
CA GLU A 160 4.10 -14.57 -20.01
C GLU A 160 4.55 -15.45 -21.16
N GLY A 161 3.59 -15.90 -21.95
CA GLY A 161 3.90 -16.69 -23.13
C GLY A 161 4.23 -18.12 -22.79
N ARG A 162 3.54 -18.66 -21.78
CA ARG A 162 3.76 -20.03 -21.37
C ARG A 162 2.46 -20.74 -21.09
N LYS A 163 2.37 -21.99 -21.51
CA LYS A 163 1.26 -22.83 -21.13
C LYS A 163 1.27 -22.97 -19.62
N GLN A 164 0.26 -22.39 -18.97
CA GLN A 164 0.20 -22.38 -17.51
C GLN A 164 -0.25 -23.73 -16.97
N THR A 165 0.33 -24.15 -15.85
CA THR A 165 -0.02 -25.42 -15.22
C THR A 165 -1.23 -25.27 -14.29
N CYS A 166 -1.84 -24.09 -14.31
CA CYS A 166 -3.04 -23.83 -13.52
C CYS A 166 -4.19 -23.55 -14.47
N GLY A 167 -5.38 -23.30 -13.92
CA GLY A 167 -6.53 -22.94 -14.74
C GLY A 167 -7.41 -24.09 -15.17
N GLN A 168 -7.05 -25.31 -14.80
CA GLN A 168 -7.87 -26.48 -15.11
C GLN A 168 -7.98 -27.40 -13.90
N PRO A 169 -9.20 -27.93 -13.63
CA PRO A 169 -10.42 -27.79 -14.44
C PRO A 169 -11.15 -26.47 -14.26
N GLN A 170 -10.78 -25.68 -13.26
CA GLN A 170 -11.45 -24.40 -13.01
C GLN A 170 -10.47 -23.23 -13.10
N PRO A 171 -10.98 -22.04 -13.46
CA PRO A 171 -10.12 -20.87 -13.67
C PRO A 171 -9.29 -20.49 -12.46
N CYS A 172 -8.10 -19.97 -12.73
CA CYS A 172 -7.23 -19.49 -11.67
C CYS A 172 -7.76 -18.18 -11.13
N GLU A 173 -7.83 -18.06 -9.82
CA GLU A 173 -8.37 -16.86 -9.19
C GLU A 173 -7.26 -16.07 -8.52
N ARG A 174 -6.02 -16.49 -8.71
CA ARG A 174 -4.89 -15.76 -8.15
C ARG A 174 -4.20 -14.95 -9.23
N LEU A 175 -3.56 -13.87 -8.79
CA LEU A 175 -2.97 -12.90 -9.70
C LEU A 175 -1.78 -13.45 -10.47
N HIS A 176 -1.79 -13.25 -11.78
CA HIS A 176 -0.65 -13.62 -12.61
C HIS A 176 0.24 -12.42 -12.74
N ILE A 177 0.92 -12.12 -11.64
CA ILE A 177 1.82 -10.99 -11.51
C ILE A 177 3.07 -11.45 -10.79
N CYS A 178 4.15 -10.70 -10.98
CA CYS A 178 5.40 -10.93 -10.29
C CYS A 178 5.26 -10.56 -8.81
N GLU A 179 5.34 -11.55 -7.92
CA GLU A 179 5.26 -11.26 -6.49
C GLU A 179 6.39 -10.36 -6.01
N HIS A 180 7.60 -10.60 -6.52
CA HIS A 180 8.73 -9.77 -6.11
C HIS A 180 8.49 -8.31 -6.49
N PHE A 181 7.94 -8.08 -7.68
CA PHE A 181 7.66 -6.70 -8.09
C PHE A 181 6.73 -6.03 -7.09
N THR A 182 5.69 -6.75 -6.64
CA THR A 182 4.75 -6.14 -5.70
C THR A 182 5.39 -5.85 -4.35
N ARG A 183 6.50 -6.53 -4.06
CA ARG A 183 7.21 -6.32 -2.79
C ARG A 183 8.42 -5.43 -2.94
N GLY A 184 8.60 -4.85 -4.13
CA GLY A 184 9.66 -3.88 -4.32
C GLY A 184 11.02 -4.52 -4.45
N ASN A 185 11.07 -5.80 -4.82
CA ASN A 185 12.35 -6.47 -4.87
C ASN A 185 12.53 -7.44 -6.02
N CYS A 186 11.93 -7.14 -7.17
CA CYS A 186 12.20 -7.91 -8.37
C CYS A 186 13.52 -7.40 -8.97
N SER A 187 14.47 -8.30 -9.19
CA SER A 187 15.77 -7.82 -9.64
C SER A 187 16.01 -7.97 -11.14
N TYR A 188 14.95 -8.24 -11.90
CA TYR A 188 15.08 -8.47 -13.33
C TYR A 188 14.88 -7.22 -14.15
N LEU A 189 15.76 -6.99 -15.13
CA LEU A 189 15.58 -5.87 -16.04
C LEU A 189 14.41 -6.14 -16.96
N ASN A 190 14.39 -7.34 -17.52
CA ASN A 190 13.28 -7.81 -18.33
C ASN A 190 12.66 -9.04 -17.69
N CYS A 191 11.75 -8.82 -16.74
CA CYS A 191 11.15 -9.94 -16.01
C CYS A 191 10.17 -10.70 -16.89
N LEU A 192 10.16 -12.03 -16.75
CA LEU A 192 9.22 -12.90 -17.48
C LEU A 192 7.80 -12.82 -16.92
N ARG A 193 7.68 -12.41 -15.67
CA ARG A 193 6.38 -12.31 -15.01
C ARG A 193 5.82 -10.89 -15.13
N SER A 194 4.50 -10.77 -15.30
CA SER A 194 3.92 -9.45 -15.55
C SER A 194 4.11 -8.47 -14.39
N HIS A 195 4.43 -7.22 -14.74
CA HIS A 195 4.47 -6.13 -13.77
C HIS A 195 3.28 -5.19 -13.97
N ASN A 196 2.30 -5.64 -14.75
CA ASN A 196 1.18 -4.77 -15.10
C ASN A 196 -0.04 -5.04 -14.25
N LEU A 197 -0.17 -4.28 -13.18
CA LEU A 197 -1.29 -4.42 -12.27
C LEU A 197 -2.59 -3.87 -12.86
N MET A 198 -2.48 -3.11 -13.95
CA MET A 198 -3.65 -2.40 -14.50
C MET A 198 -4.36 -3.22 -15.58
N ASP A 199 -3.87 -4.43 -15.78
CA ASP A 199 -4.51 -5.39 -16.68
C ASP A 199 -5.94 -5.66 -16.18
N ARG A 200 -6.88 -5.80 -17.11
CA ARG A 200 -8.29 -5.88 -16.73
C ARG A 200 -8.60 -7.07 -15.83
N LYS A 201 -8.00 -8.22 -16.12
CA LYS A 201 -8.25 -9.39 -15.28
C LYS A 201 -7.69 -9.17 -13.88
N VAL A 202 -6.52 -8.54 -13.78
CA VAL A 202 -5.96 -8.24 -12.47
C VAL A 202 -6.89 -7.30 -11.70
N LEU A 203 -7.39 -6.27 -12.38
CA LEU A 203 -8.25 -5.29 -11.74
C LEU A 203 -9.53 -5.90 -11.21
N THR A 204 -10.08 -6.87 -11.93
CA THR A 204 -11.25 -7.58 -11.44
C THR A 204 -10.95 -8.28 -10.10
N ILE A 205 -9.83 -8.98 -10.04
CA ILE A 205 -9.46 -9.67 -8.81
C ILE A 205 -9.18 -8.69 -7.67
N MET A 206 -8.47 -7.61 -7.98
CA MET A 206 -8.22 -6.54 -7.00
C MET A 206 -9.52 -6.00 -6.45
N ARG A 207 -10.46 -5.72 -7.34
CA ARG A 207 -11.75 -5.16 -6.98
C ARG A 207 -12.51 -6.09 -6.02
N GLU A 208 -12.55 -7.37 -6.35
CA GLU A 208 -13.24 -8.33 -5.49
C GLU A 208 -12.59 -8.40 -4.10
N HIS A 209 -11.30 -8.10 -4.04
CA HIS A 209 -10.54 -8.15 -2.80
C HIS A 209 -10.72 -6.86 -2.00
N GLY A 210 -11.28 -5.84 -2.63
CA GLY A 210 -11.56 -4.59 -1.97
C GLY A 210 -10.71 -3.41 -2.41
N LEU A 211 -9.95 -3.57 -3.49
CA LEU A 211 -9.07 -2.52 -4.00
C LEU A 211 -9.58 -1.93 -5.31
N SER A 212 -9.87 -0.64 -5.32
CA SER A 212 -10.35 0.04 -6.53
C SER A 212 -9.21 0.29 -7.51
N PRO A 213 -9.54 0.49 -8.80
CA PRO A 213 -8.48 0.70 -9.80
C PRO A 213 -7.62 1.93 -9.50
N ASP A 214 -8.21 2.92 -8.82
CA ASP A 214 -7.46 4.11 -8.46
C ASP A 214 -6.40 3.75 -7.41
N VAL A 215 -6.78 2.94 -6.43
CA VAL A 215 -5.83 2.45 -5.44
C VAL A 215 -4.75 1.60 -6.12
N VAL A 216 -5.17 0.69 -7.00
CA VAL A 216 -4.19 -0.12 -7.74
C VAL A 216 -3.22 0.74 -8.56
N GLN A 217 -3.71 1.82 -9.16
CA GLN A 217 -2.84 2.69 -9.93
C GLN A 217 -1.74 3.26 -9.05
N ASN A 218 -2.10 3.63 -7.82
CA ASN A 218 -1.10 4.13 -6.89
C ASN A 218 -0.10 3.03 -6.55
N ILE A 219 -0.61 1.82 -6.31
CA ILE A 219 0.27 0.69 -6.04
C ILE A 219 1.21 0.48 -7.23
N GLN A 220 0.65 0.53 -8.43
CA GLN A 220 1.44 0.38 -9.67
C GLN A 220 2.57 1.40 -9.70
N ASP A 221 2.25 2.65 -9.42
CA ASP A 221 3.23 3.70 -9.51
C ASP A 221 4.28 3.62 -8.40
N ILE A 222 3.87 3.21 -7.21
CA ILE A 222 4.82 2.99 -6.12
C ILE A 222 5.76 1.82 -6.47
N CYS A 223 5.19 0.72 -6.97
CA CYS A 223 6.03 -0.40 -7.34
C CYS A 223 6.92 -0.10 -8.53
N ASN A 224 6.42 0.68 -9.49
CA ASN A 224 7.27 1.10 -10.61
C ASN A 224 8.47 1.87 -10.08
N ASN A 225 8.20 2.76 -9.13
CA ASN A 225 9.24 3.55 -8.51
C ASN A 225 10.29 2.66 -7.87
N LYS A 226 9.87 1.68 -7.07
CA LYS A 226 10.85 0.83 -6.42
C LYS A 226 11.63 -0.03 -7.41
N HIS A 227 10.99 -0.42 -8.50
CA HIS A 227 11.64 -1.26 -9.49
C HIS A 227 12.76 -0.48 -10.21
N ALA A 228 12.60 0.84 -10.26
CA ALA A 228 13.54 1.71 -10.97
C ALA A 228 14.75 2.07 -10.12
N ARG A 229 14.86 1.46 -8.95
CA ARG A 229 15.98 1.66 -8.04
C ARG A 229 17.33 1.41 -8.70
ZN ZN B . 3.93 -8.87 15.39
ZN ZN C . -11.38 -8.12 11.89
ZN ZN D . -2.59 -19.19 -11.92
ZN ZN E . 9.43 -9.25 -11.84
#